data_8FKG
#
_entry.id   8FKG
#
_cell.length_a   61.968
_cell.length_b   61.968
_cell.length_c   163.608
_cell.angle_alpha   90.000
_cell.angle_beta   90.000
_cell.angle_gamma   90.000
#
_symmetry.space_group_name_H-M   'P 41 21 2'
#
loop_
_entity.id
_entity.type
_entity.pdbx_description
1 polymer 'Nuclear receptor corepressor 1'
2 polymer 'Peroxisome proliferator-activated receptor gamma'
3 non-polymer GLYCEROL
4 non-polymer 2-chloro-N-(5-cyanopyridin-2-yl)-5-nitrobenzamide
5 non-polymer 'SULFATE ION'
6 non-polymer 1,2-ETHANEDIOL
7 non-polymer 'POTASSIUM ION'
8 water water
#
loop_
_entity_poly.entity_id
_entity_poly.type
_entity_poly.pdbx_seq_one_letter_code
_entity_poly.pdbx_strand_id
1 'polypeptide(L)' DPASNLGLEDIIRKALMGSFDDK D
2 'polypeptide(L)'
;GQLNPESADLRALAKHLYDSYIKSFPLTKAKARAILTGKTTDKSPFVIYDMNSLMMGEDKIKFKHITPLQEQSKEVAIRI
FQGCQFRSVEAVQEITEYAKSIPGFVNLDLNDQVTLLKYGVHEIIYTMLASLMNKDGVLISEGQGFMTREFLKSLRKPFG
DFMEPKFEFAVKFNALELDDSDLAIFIAVIILSGDRPGLLNVKPIEDIQDNLLQALELQLKLNHPESSQLFAKLLQKMTD
LRQIVTEHVQLLQVIKKTETDMSLHPLLQEIYKDLY
;
A
#
# COMPACT_ATOMS: atom_id res chain seq x y z
N ASN A 5 3.70 14.41 -9.24
CA ASN A 5 2.77 15.42 -8.74
C ASN A 5 3.48 16.34 -7.75
N LEU A 6 3.48 17.64 -8.04
CA LEU A 6 4.07 18.61 -7.12
C LEU A 6 3.30 18.69 -5.82
N GLY A 7 1.97 18.57 -5.89
CA GLY A 7 1.17 18.53 -4.68
C GLY A 7 1.59 17.41 -3.76
N LEU A 8 1.97 16.26 -4.34
CA LEU A 8 2.43 15.13 -3.53
C LEU A 8 3.80 15.42 -2.91
N GLU A 9 4.72 15.97 -3.71
CA GLU A 9 6.01 16.37 -3.17
C GLU A 9 5.85 17.38 -2.05
N ASP A 10 4.91 18.31 -2.20
CA ASP A 10 4.66 19.30 -1.16
C ASP A 10 4.11 18.65 0.10
N ILE A 11 3.21 17.68 -0.05
CA ILE A 11 2.71 16.94 1.10
C ILE A 11 3.85 16.23 1.80
N ILE A 12 4.76 15.64 1.03
CA ILE A 12 5.89 14.93 1.61
C ILE A 12 6.87 15.90 2.25
N ARG A 13 7.12 17.04 1.60
CA ARG A 13 8.04 18.02 2.16
C ARG A 13 7.54 18.59 3.48
N LYS A 14 6.25 18.94 3.54
CA LYS A 14 5.69 19.46 4.78
C LYS A 14 5.72 18.39 5.88
N ALA A 15 5.44 17.14 5.52
CA ALA A 15 5.49 16.07 6.51
C ALA A 15 6.91 15.82 7.01
N LEU A 16 7.91 15.99 6.14
CA LEU A 16 9.29 15.78 6.55
C LEU A 16 9.80 16.84 7.51
N MET A 17 9.09 17.95 7.66
CA MET A 17 9.51 19.01 8.58
C MET A 17 9.29 18.62 10.04
N GLY B 1 23.54 -20.31 10.25
CA GLY B 1 23.10 -19.19 11.06
C GLY B 1 23.55 -19.29 12.50
N GLN B 2 24.02 -18.18 13.06
CA GLN B 2 24.48 -18.13 14.44
C GLN B 2 23.88 -16.91 15.14
N LEU B 3 23.70 -17.05 16.46
CA LEU B 3 23.25 -15.95 17.30
C LEU B 3 24.48 -15.20 17.78
N ASN B 4 24.84 -14.15 17.05
CA ASN B 4 26.05 -13.37 17.27
C ASN B 4 25.69 -11.90 17.39
N PRO B 5 26.66 -11.02 17.70
CA PRO B 5 26.36 -9.58 17.72
C PRO B 5 25.70 -9.06 16.45
N GLU B 6 26.06 -9.60 15.29
CA GLU B 6 25.45 -9.16 14.04
C GLU B 6 23.96 -9.49 13.99
N SER B 7 23.60 -10.74 14.29
CA SER B 7 22.19 -11.13 14.23
C SER B 7 21.36 -10.39 15.28
N ALA B 8 21.93 -10.17 16.47
CA ALA B 8 21.21 -9.42 17.50
C ALA B 8 20.94 -7.99 17.06
N ASP B 9 21.89 -7.37 16.35
CA ASP B 9 21.67 -6.03 15.84
C ASP B 9 20.53 -6.01 14.83
N LEU B 10 20.46 -7.05 13.98
CA LEU B 10 19.40 -7.10 12.97
C LEU B 10 18.04 -7.34 13.62
N ARG B 11 18.00 -8.07 14.74
CA ARG B 11 16.74 -8.24 15.47
C ARG B 11 16.33 -6.95 16.16
N ALA B 12 17.31 -6.18 16.66
CA ALA B 12 16.99 -4.88 17.25
C ALA B 12 16.46 -3.92 16.19
N LEU B 13 17.01 -3.97 14.99
CA LEU B 13 16.52 -3.13 13.90
C LEU B 13 15.09 -3.50 13.52
N ALA B 14 14.80 -4.80 13.45
CA ALA B 14 13.46 -5.26 13.13
C ALA B 14 12.46 -4.83 14.20
N LYS B 15 12.85 -4.92 15.48
CA LYS B 15 11.94 -4.52 16.55
C LYS B 15 11.72 -3.01 16.53
N HIS B 16 12.78 -2.22 16.32
CA HIS B 16 12.64 -0.78 16.20
C HIS B 16 11.68 -0.40 15.08
N LEU B 17 11.85 -1.01 13.90
CA LEU B 17 10.95 -0.72 12.78
C LEU B 17 9.52 -1.12 13.12
N TYR B 18 9.34 -2.28 13.76
CA TYR B 18 7.99 -2.72 14.13
C TYR B 18 7.33 -1.73 15.08
N ASP B 19 8.07 -1.22 16.07
CA ASP B 19 7.49 -0.29 17.03
C ASP B 19 7.08 1.01 16.35
N SER B 20 7.92 1.53 15.45
CA SER B 20 7.54 2.73 14.71
C SER B 20 6.37 2.47 13.79
N TYR B 21 6.35 1.30 13.15
CA TYR B 21 5.22 0.87 12.33
C TYR B 21 3.91 0.96 13.11
N ILE B 22 3.90 0.43 14.33
CA ILE B 22 2.69 0.44 15.15
C ILE B 22 2.30 1.88 15.50
N LYS B 23 3.28 2.72 15.78
CA LYS B 23 2.97 4.11 16.16
C LYS B 23 2.53 4.94 14.96
N SER B 24 2.98 4.58 13.75
CA SER B 24 2.70 5.39 12.57
C SER B 24 1.41 4.99 11.86
N PHE B 25 1.10 3.70 11.82
CA PHE B 25 -0.06 3.20 11.10
C PHE B 25 -1.11 2.70 12.08
N PRO B 26 -2.19 3.45 12.32
CA PRO B 26 -3.18 2.99 13.30
C PRO B 26 -3.94 1.75 12.86
N LEU B 27 -4.12 1.54 11.56
CA LEU B 27 -4.80 0.37 11.02
C LEU B 27 -3.74 -0.61 10.55
N THR B 28 -3.59 -1.71 11.29
CA THR B 28 -2.61 -2.75 10.99
C THR B 28 -3.26 -3.86 10.19
N LYS B 29 -2.42 -4.76 9.67
CA LYS B 29 -2.96 -5.92 8.96
C LYS B 29 -3.78 -6.80 9.89
N ALA B 30 -3.30 -7.00 11.12
CA ALA B 30 -4.03 -7.84 12.07
C ALA B 30 -5.45 -7.32 12.30
N LYS B 31 -5.61 -5.99 12.37
CA LYS B 31 -6.93 -5.42 12.55
C LYS B 31 -7.79 -5.63 11.30
N ALA B 32 -7.19 -5.48 10.11
CA ALA B 32 -7.95 -5.68 8.88
C ALA B 32 -8.38 -7.14 8.73
N ARG B 33 -7.49 -8.08 9.01
CA ARG B 33 -7.85 -9.50 8.89
C ARG B 33 -8.92 -9.89 9.91
N ALA B 34 -8.91 -9.27 11.09
CA ALA B 34 -9.93 -9.57 12.09
C ALA B 34 -11.31 -9.15 11.60
N ILE B 35 -11.39 -8.06 10.83
CA ILE B 35 -12.68 -7.65 10.27
C ILE B 35 -13.09 -8.58 9.15
N LEU B 36 -12.14 -8.95 8.27
CA LEU B 36 -12.49 -9.77 7.11
C LEU B 36 -12.93 -11.17 7.51
N THR B 37 -12.32 -11.74 8.56
CA THR B 37 -12.65 -13.08 8.98
C THR B 37 -13.82 -13.13 9.96
N GLY B 38 -14.54 -12.03 10.12
CA GLY B 38 -15.70 -12.01 10.99
C GLY B 38 -15.39 -12.31 12.44
N LYS B 39 -14.33 -11.69 12.98
CA LYS B 39 -13.97 -11.85 14.38
C LYS B 39 -13.99 -10.55 15.14
N THR B 40 -14.50 -9.47 14.54
CA THR B 40 -14.63 -8.17 15.19
C THR B 40 -16.09 -7.97 15.55
N THR B 41 -16.39 -8.03 16.85
CA THR B 41 -17.78 -7.88 17.31
C THR B 41 -18.30 -6.47 17.02
N ASP B 42 -17.52 -5.45 17.36
CA ASP B 42 -17.94 -4.06 17.21
C ASP B 42 -17.98 -3.59 15.75
N LYS B 43 -17.58 -4.43 14.79
CA LYS B 43 -17.56 -4.04 13.38
C LYS B 43 -18.15 -5.15 12.54
N SER B 44 -19.36 -4.92 12.02
CA SER B 44 -20.00 -5.79 11.04
C SER B 44 -20.21 -4.96 9.78
N PRO B 45 -19.26 -4.97 8.86
CA PRO B 45 -19.38 -4.12 7.67
C PRO B 45 -20.56 -4.53 6.79
N PHE B 46 -21.17 -3.53 6.17
CA PHE B 46 -22.23 -3.79 5.20
C PHE B 46 -21.61 -4.23 3.89
N VAL B 47 -22.27 -5.18 3.24
CA VAL B 47 -21.75 -5.80 2.03
C VAL B 47 -22.46 -5.20 0.82
N ILE B 48 -21.69 -4.60 -0.08
CA ILE B 48 -22.23 -4.07 -1.33
C ILE B 48 -21.80 -5.02 -2.44
N TYR B 49 -22.77 -5.73 -3.01
CA TYR B 49 -22.48 -6.76 -3.99
C TYR B 49 -23.23 -6.61 -5.31
N ASP B 50 -24.16 -5.65 -5.41
CA ASP B 50 -24.85 -5.38 -6.65
C ASP B 50 -25.45 -3.97 -6.57
N MET B 51 -26.13 -3.56 -7.65
CA MET B 51 -26.73 -2.23 -7.66
C MET B 51 -27.83 -2.09 -6.61
N ASN B 52 -28.54 -3.17 -6.30
CA ASN B 52 -29.59 -3.11 -5.30
C ASN B 52 -29.03 -2.84 -3.91
N SER B 53 -28.01 -3.63 -3.50
CA SER B 53 -27.38 -3.39 -2.21
C SER B 53 -26.62 -2.07 -2.20
N LEU B 54 -26.16 -1.61 -3.35
CA LEU B 54 -25.48 -0.31 -3.42
C LEU B 54 -26.40 0.82 -2.96
N MET B 55 -27.62 0.84 -3.48
CA MET B 55 -28.55 1.91 -3.13
C MET B 55 -29.15 1.72 -1.74
N MET B 56 -29.23 0.48 -1.27
CA MET B 56 -29.71 0.24 0.10
C MET B 56 -28.71 0.69 1.16
N GLY B 57 -27.43 0.84 0.80
CA GLY B 57 -26.44 1.29 1.76
C GLY B 57 -26.05 2.74 1.56
N GLU B 58 -27.00 3.55 1.08
CA GLU B 58 -26.70 4.95 0.77
C GLU B 58 -26.29 5.72 2.01
N ASP B 59 -26.98 5.50 3.14
CA ASP B 59 -26.70 6.28 4.34
C ASP B 59 -25.34 5.93 4.93
N LYS B 60 -24.94 4.67 4.86
CA LYS B 60 -23.61 4.27 5.29
C LYS B 60 -22.52 4.77 4.34
N ILE B 61 -22.89 5.45 3.26
CA ILE B 61 -21.95 6.03 2.30
C ILE B 61 -21.09 4.96 1.64
N LYS B 74 -15.19 17.88 -16.61
CA LYS B 74 -14.24 17.02 -15.91
C LYS B 74 -14.72 15.58 -15.90
N GLU B 75 -13.84 14.66 -16.30
CA GLU B 75 -14.22 13.26 -16.37
C GLU B 75 -14.39 12.67 -14.97
N VAL B 76 -15.23 11.64 -14.89
CA VAL B 76 -15.50 10.98 -13.61
C VAL B 76 -14.23 10.31 -13.10
N ALA B 77 -13.45 9.70 -14.00
CA ALA B 77 -12.24 9.01 -13.60
C ALA B 77 -11.22 9.96 -12.99
N ILE B 78 -11.12 11.17 -13.53
CA ILE B 78 -10.18 12.15 -12.99
C ILE B 78 -10.60 12.60 -11.60
N ARG B 79 -11.89 12.81 -11.39
CA ARG B 79 -12.36 13.23 -10.07
C ARG B 79 -12.17 12.12 -9.04
N ILE B 80 -12.36 10.87 -9.46
CA ILE B 80 -12.08 9.75 -8.56
C ILE B 80 -10.62 9.74 -8.17
N PHE B 81 -9.73 9.91 -9.15
CA PHE B 81 -8.30 9.88 -8.86
C PHE B 81 -7.88 11.07 -8.02
N GLN B 82 -8.47 12.24 -8.27
CA GLN B 82 -8.23 13.39 -7.40
C GLN B 82 -8.76 13.14 -6.00
N GLY B 83 -9.93 12.53 -5.89
CA GLY B 83 -10.52 12.30 -4.59
C GLY B 83 -9.75 11.28 -3.76
N CYS B 84 -9.38 10.15 -4.38
CA CYS B 84 -8.66 9.13 -3.63
C CYS B 84 -7.25 9.58 -3.26
N GLN B 85 -6.63 10.38 -4.12
CA GLN B 85 -5.32 10.93 -3.76
C GLN B 85 -5.43 11.91 -2.60
N PHE B 86 -6.54 12.65 -2.53
CA PHE B 86 -6.76 13.53 -1.39
C PHE B 86 -7.02 12.74 -0.12
N ARG B 87 -7.80 11.67 -0.21
CA ARG B 87 -8.03 10.82 0.95
C ARG B 87 -6.81 10.01 1.33
N SER B 88 -5.81 9.93 0.46
CA SER B 88 -4.57 9.23 0.74
C SER B 88 -3.51 10.12 1.35
N VAL B 89 -3.84 11.38 1.64
CA VAL B 89 -2.86 12.30 2.24
C VAL B 89 -2.41 11.79 3.60
N GLU B 90 -3.36 11.32 4.41
CA GLU B 90 -3.02 10.79 5.74
C GLU B 90 -2.05 9.62 5.63
N ALA B 91 -2.27 8.72 4.67
CA ALA B 91 -1.35 7.60 4.49
C ALA B 91 0.04 8.09 4.12
N VAL B 92 0.12 9.08 3.22
CA VAL B 92 1.42 9.63 2.84
C VAL B 92 2.13 10.24 4.04
N GLN B 93 1.39 10.96 4.88
CA GLN B 93 1.99 11.55 6.07
C GLN B 93 2.48 10.48 7.03
N GLU B 94 1.72 9.39 7.18
CA GLU B 94 2.14 8.30 8.06
C GLU B 94 3.34 7.56 7.50
N ILE B 95 3.37 7.31 6.18
CA ILE B 95 4.53 6.67 5.58
C ILE B 95 5.77 7.54 5.74
N THR B 96 5.60 8.86 5.56
CA THR B 96 6.72 9.79 5.74
C THR B 96 7.22 9.77 7.17
N GLU B 97 6.32 9.73 8.14
CA GLU B 97 6.75 9.66 9.54
C GLU B 97 7.46 8.35 9.83
N TYR B 98 6.96 7.25 9.26
CA TYR B 98 7.65 5.96 9.43
C TYR B 98 9.08 6.03 8.88
N ALA B 99 9.25 6.65 7.71
CA ALA B 99 10.57 6.73 7.09
C ALA B 99 11.58 7.46 7.98
N LYS B 100 11.12 8.45 8.76
CA LYS B 100 12.03 9.16 9.67
C LYS B 100 12.62 8.23 10.71
N SER B 101 11.91 7.15 11.04
CA SER B 101 12.41 6.19 12.02
C SER B 101 13.41 5.20 11.43
N ILE B 102 13.53 5.13 10.11
CA ILE B 102 14.50 4.25 9.46
C ILE B 102 15.89 4.83 9.69
N PRO B 103 16.78 4.12 10.40
CA PRO B 103 18.09 4.70 10.72
C PRO B 103 18.87 5.08 9.48
N GLY B 104 19.25 6.35 9.40
CA GLY B 104 20.00 6.88 8.28
C GLY B 104 19.18 7.68 7.29
N PHE B 105 17.86 7.49 7.27
CA PHE B 105 17.04 8.12 6.23
C PHE B 105 17.11 9.65 6.31
N VAL B 106 16.94 10.22 7.51
CA VAL B 106 16.94 11.68 7.63
C VAL B 106 18.32 12.27 7.36
N ASN B 107 19.39 11.47 7.47
CA ASN B 107 20.72 11.97 7.17
C ASN B 107 20.98 12.07 5.67
N LEU B 108 20.11 11.50 4.83
CA LEU B 108 20.27 11.58 3.40
C LEU B 108 19.94 12.98 2.89
N ASP B 109 20.38 13.26 1.67
CA ASP B 109 20.01 14.50 1.00
C ASP B 109 18.50 14.63 0.93
N LEU B 110 17.98 15.82 1.24
CA LEU B 110 16.54 16.02 1.33
C LEU B 110 15.85 15.76 -0.01
N ASN B 111 16.51 16.09 -1.13
CA ASN B 111 15.93 15.78 -2.43
C ASN B 111 15.77 14.28 -2.62
N ASP B 112 16.75 13.50 -2.17
CA ASP B 112 16.65 12.04 -2.30
C ASP B 112 15.57 11.50 -1.38
N GLN B 113 15.40 12.08 -0.18
CA GLN B 113 14.32 11.67 0.71
C GLN B 113 12.96 11.86 0.05
N VAL B 114 12.78 13.02 -0.60
CA VAL B 114 11.51 13.29 -1.27
C VAL B 114 11.33 12.36 -2.48
N THR B 115 12.41 12.12 -3.22
CA THR B 115 12.32 11.22 -4.38
C THR B 115 11.96 9.81 -3.96
N LEU B 116 12.63 9.29 -2.93
CA LEU B 116 12.33 7.95 -2.44
C LEU B 116 10.88 7.84 -1.99
N LEU B 117 10.36 8.86 -1.31
CA LEU B 117 9.01 8.80 -0.80
C LEU B 117 7.96 9.01 -1.90
N LYS B 118 8.22 9.93 -2.84
CA LYS B 118 7.20 10.25 -3.83
C LYS B 118 6.91 9.06 -4.74
N TYR B 119 7.91 8.23 -5.00
CA TYR B 119 7.65 6.96 -5.70
C TYR B 119 7.24 5.85 -4.74
N GLY B 120 7.79 5.84 -3.53
CA GLY B 120 7.54 4.73 -2.63
C GLY B 120 6.12 4.67 -2.09
N VAL B 121 5.48 5.83 -1.89
CA VAL B 121 4.18 5.85 -1.22
C VAL B 121 3.15 5.06 -2.00
N HIS B 122 3.19 5.15 -3.33
CA HIS B 122 2.20 4.44 -4.14
C HIS B 122 2.32 2.93 -3.94
N GLU B 123 3.55 2.41 -3.93
CA GLU B 123 3.75 0.98 -3.73
C GLU B 123 3.34 0.54 -2.33
N ILE B 124 3.58 1.38 -1.33
CA ILE B 124 3.22 1.03 0.03
C ILE B 124 1.71 1.08 0.23
N ILE B 125 1.04 2.05 -0.41
CA ILE B 125 -0.42 2.11 -0.32
C ILE B 125 -1.04 0.85 -0.89
N TYR B 126 -0.50 0.35 -2.02
CA TYR B 126 -1.00 -0.89 -2.59
C TYR B 126 -0.71 -2.07 -1.68
N THR B 127 0.44 -2.07 -1.02
CA THR B 127 0.75 -3.12 -0.04
C THR B 127 -0.28 -3.12 1.09
N MET B 128 -0.57 -1.94 1.64
CA MET B 128 -1.58 -1.84 2.69
C MET B 128 -2.98 -2.14 2.17
N LEU B 129 -3.27 -1.80 0.91
CA LEU B 129 -4.57 -2.12 0.34
C LEU B 129 -4.80 -3.62 0.30
N ALA B 130 -3.74 -4.40 0.03
CA ALA B 130 -3.87 -5.85 -0.01
C ALA B 130 -4.32 -6.43 1.33
N SER B 131 -3.94 -5.78 2.44
CA SER B 131 -4.42 -6.22 3.75
C SER B 131 -5.93 -6.07 3.87
N LEU B 132 -6.50 -5.11 3.15
CA LEU B 132 -7.94 -4.87 3.19
C LEU B 132 -8.72 -5.77 2.25
N MET B 133 -8.05 -6.68 1.54
CA MET B 133 -8.67 -7.49 0.50
C MET B 133 -8.63 -8.97 0.87
N ASN B 134 -9.72 -9.67 0.56
CA ASN B 134 -9.70 -11.12 0.44
C ASN B 134 -10.18 -11.47 -0.97
N LYS B 135 -10.35 -12.77 -1.23
CA LYS B 135 -10.75 -13.17 -2.58
C LYS B 135 -12.13 -12.65 -2.95
N ASP B 136 -12.94 -12.24 -1.97
CA ASP B 136 -14.31 -11.81 -2.24
C ASP B 136 -14.44 -10.30 -2.47
N GLY B 137 -13.52 -9.49 -1.92
CA GLY B 137 -13.65 -8.06 -2.08
C GLY B 137 -12.75 -7.30 -1.12
N VAL B 138 -13.09 -6.03 -0.90
CA VAL B 138 -12.21 -5.10 -0.20
C VAL B 138 -13.01 -4.26 0.79
N LEU B 139 -12.40 -4.00 1.95
CA LEU B 139 -13.03 -3.15 2.95
C LEU B 139 -12.99 -1.69 2.52
N ILE B 140 -14.07 -0.96 2.83
CA ILE B 140 -14.19 0.46 2.49
C ILE B 140 -14.83 1.18 3.67
N SER B 141 -14.82 2.51 3.57
CA SER B 141 -15.48 3.40 4.54
C SER B 141 -15.01 3.09 5.97
N GLU B 142 -13.69 3.01 6.13
CA GLU B 142 -13.06 2.80 7.44
C GLU B 142 -13.56 1.51 8.08
N GLY B 143 -13.53 0.42 7.31
CA GLY B 143 -13.94 -0.88 7.79
C GLY B 143 -15.43 -1.06 8.00
N GLN B 144 -16.25 -0.07 7.64
CA GLN B 144 -17.69 -0.17 7.80
C GLN B 144 -18.38 -0.74 6.58
N GLY B 145 -17.67 -0.91 5.46
CA GLY B 145 -18.26 -1.46 4.27
C GLY B 145 -17.35 -2.49 3.63
N PHE B 146 -17.94 -3.32 2.78
CA PHE B 146 -17.20 -4.34 2.06
C PHE B 146 -17.72 -4.36 0.62
N MET B 147 -16.84 -4.04 -0.32
CA MET B 147 -17.17 -3.98 -1.75
C MET B 147 -16.66 -5.22 -2.44
N THR B 148 -17.55 -5.99 -3.07
CA THR B 148 -17.14 -7.26 -3.64
C THR B 148 -16.34 -7.06 -4.91
N ARG B 149 -15.48 -8.03 -5.19
CA ARG B 149 -14.57 -7.97 -6.33
C ARG B 149 -15.32 -8.09 -7.65
N GLU B 150 -16.32 -8.97 -7.72
CA GLU B 150 -17.01 -9.19 -8.97
C GLU B 150 -17.95 -8.05 -9.32
N PHE B 151 -18.48 -7.36 -8.31
CA PHE B 151 -19.31 -6.19 -8.57
C PHE B 151 -18.46 -5.08 -9.18
N LEU B 152 -17.27 -4.85 -8.62
CA LEU B 152 -16.35 -3.89 -9.22
C LEU B 152 -15.98 -4.30 -10.63
N LYS B 153 -15.70 -5.59 -10.84
CA LYS B 153 -15.29 -6.06 -12.17
C LYS B 153 -16.43 -5.93 -13.17
N SER B 154 -17.68 -5.98 -12.72
CA SER B 154 -18.83 -5.92 -13.62
C SER B 154 -19.15 -4.51 -14.11
N LEU B 155 -18.58 -3.47 -13.47
CA LEU B 155 -18.91 -2.10 -13.85
C LEU B 155 -18.41 -1.79 -15.26
N ARG B 156 -19.08 -0.83 -15.89
CA ARG B 156 -18.77 -0.49 -17.28
C ARG B 156 -17.33 -0.02 -17.41
N LYS B 157 -16.78 -0.19 -18.61
CA LYS B 157 -15.43 0.26 -18.89
C LYS B 157 -15.36 1.79 -18.82
N PRO B 158 -14.22 2.33 -18.39
CA PRO B 158 -12.99 1.65 -17.98
C PRO B 158 -13.01 1.24 -16.49
N PHE B 159 -14.09 1.57 -15.77
CA PHE B 159 -14.10 1.43 -14.33
C PHE B 159 -13.97 -0.03 -13.90
N GLY B 160 -14.60 -0.95 -14.63
CA GLY B 160 -14.54 -2.37 -14.31
C GLY B 160 -13.16 -2.98 -14.37
N ASP B 161 -12.20 -2.29 -15.00
CA ASP B 161 -10.83 -2.76 -15.11
C ASP B 161 -9.89 -2.13 -14.07
N PHE B 162 -10.40 -1.19 -13.26
CA PHE B 162 -9.54 -0.48 -12.33
C PHE B 162 -8.93 -1.41 -11.28
N MET B 163 -9.79 -2.15 -10.57
CA MET B 163 -9.36 -2.84 -9.35
C MET B 163 -8.92 -4.27 -9.58
N GLU B 164 -9.33 -4.90 -10.68
CA GLU B 164 -9.05 -6.33 -10.85
C GLU B 164 -7.57 -6.68 -10.81
N PRO B 165 -6.65 -5.92 -11.43
CA PRO B 165 -5.22 -6.24 -11.26
C PRO B 165 -4.75 -6.13 -9.83
N LYS B 166 -5.37 -5.26 -9.03
CA LYS B 166 -4.96 -5.13 -7.63
C LYS B 166 -5.47 -6.28 -6.78
N PHE B 167 -6.66 -6.81 -7.08
CA PHE B 167 -7.10 -8.06 -6.44
C PHE B 167 -6.18 -9.21 -6.80
N GLU B 168 -5.75 -9.28 -8.06
CA GLU B 168 -4.86 -10.36 -8.48
C GLU B 168 -3.53 -10.29 -7.75
N PHE B 169 -2.99 -9.09 -7.58
CA PHE B 169 -1.80 -8.93 -6.74
C PHE B 169 -2.09 -9.33 -5.30
N ALA B 170 -3.24 -8.90 -4.77
CA ALA B 170 -3.53 -9.10 -3.35
C ALA B 170 -3.62 -10.58 -2.99
N VAL B 171 -4.25 -11.40 -3.84
CA VAL B 171 -4.38 -12.82 -3.52
C VAL B 171 -3.01 -13.50 -3.51
N LYS B 172 -2.14 -13.14 -4.47
CA LYS B 172 -0.79 -13.70 -4.47
C LYS B 172 0.03 -13.17 -3.31
N PHE B 173 -0.14 -11.89 -2.95
CA PHE B 173 0.64 -11.31 -1.87
C PHE B 173 0.17 -11.84 -0.52
N ASN B 174 -1.15 -11.90 -0.31
CA ASN B 174 -1.69 -12.38 0.95
C ASN B 174 -1.43 -13.86 1.17
N ALA B 175 -1.22 -14.63 0.09
CA ALA B 175 -0.89 -16.04 0.24
C ALA B 175 0.49 -16.23 0.85
N LEU B 176 1.34 -15.19 0.85
CA LEU B 176 2.61 -15.28 1.56
C LEU B 176 2.42 -15.27 3.08
N GLU B 177 1.24 -14.85 3.55
CA GLU B 177 0.89 -14.87 4.98
C GLU B 177 1.89 -14.06 5.80
N LEU B 178 2.27 -12.89 5.30
CA LEU B 178 3.09 -12.00 6.09
C LEU B 178 2.26 -11.37 7.21
N ASP B 179 2.92 -11.08 8.34
CA ASP B 179 2.29 -10.35 9.42
C ASP B 179 2.85 -8.93 9.47
N ASP B 180 2.36 -8.17 10.45
CA ASP B 180 2.75 -6.77 10.56
C ASP B 180 4.25 -6.62 10.82
N SER B 181 4.86 -7.57 11.53
CA SER B 181 6.31 -7.48 11.76
C SER B 181 7.09 -7.71 10.48
N ASP B 182 6.62 -8.61 9.60
CA ASP B 182 7.21 -8.76 8.28
C ASP B 182 7.03 -7.49 7.47
N LEU B 183 5.80 -6.97 7.44
CA LEU B 183 5.48 -5.82 6.59
C LEU B 183 6.28 -4.58 6.96
N ALA B 184 6.60 -4.42 8.25
CA ALA B 184 7.35 -3.25 8.70
C ALA B 184 8.71 -3.18 8.00
N ILE B 185 9.41 -4.30 7.91
CA ILE B 185 10.70 -4.31 7.24
C ILE B 185 10.52 -4.22 5.72
N PHE B 186 9.51 -4.90 5.19
CA PHE B 186 9.27 -4.87 3.76
C PHE B 186 9.02 -3.45 3.28
N ILE B 187 8.23 -2.68 4.03
CA ILE B 187 7.93 -1.31 3.64
C ILE B 187 9.20 -0.46 3.67
N ALA B 188 10.04 -0.65 4.68
CA ALA B 188 11.31 0.07 4.74
C ALA B 188 12.18 -0.24 3.54
N VAL B 189 12.21 -1.51 3.11
CA VAL B 189 12.99 -1.89 1.94
C VAL B 189 12.46 -1.21 0.68
N ILE B 190 11.14 -1.09 0.57
CA ILE B 190 10.54 -0.38 -0.57
C ILE B 190 11.05 1.05 -0.61
N ILE B 191 11.01 1.75 0.52
CA ILE B 191 11.38 3.16 0.56
C ILE B 191 12.83 3.35 0.13
N LEU B 192 13.73 2.49 0.62
CA LEU B 192 15.16 2.64 0.33
C LEU B 192 15.57 2.02 -1.00
N SER B 193 14.78 2.24 -2.07
CA SER B 193 15.05 1.68 -3.39
C SER B 193 15.98 2.62 -4.13
N GLY B 194 17.23 2.19 -4.35
CA GLY B 194 18.22 3.04 -4.96
C GLY B 194 18.15 3.11 -6.47
N ASP B 195 17.03 2.69 -7.06
CA ASP B 195 16.85 2.74 -8.51
C ASP B 195 15.81 3.75 -8.94
N ARG B 196 15.37 4.64 -8.05
CA ARG B 196 14.41 5.65 -8.42
C ARG B 196 15.06 6.68 -9.35
N PRO B 197 14.30 7.23 -10.29
CA PRO B 197 14.86 8.28 -11.15
C PRO B 197 15.09 9.57 -10.38
N GLY B 198 16.21 10.23 -10.68
CA GLY B 198 16.52 11.50 -10.07
C GLY B 198 17.28 11.43 -8.76
N LEU B 199 17.72 10.25 -8.34
CA LEU B 199 18.49 10.15 -7.11
C LEU B 199 19.90 10.69 -7.30
N LEU B 200 20.37 11.44 -6.30
CA LEU B 200 21.66 12.11 -6.36
C LEU B 200 22.80 11.24 -5.83
N ASN B 201 22.62 10.64 -4.65
CA ASN B 201 23.64 9.83 -3.99
C ASN B 201 23.05 8.45 -3.75
N VAL B 202 23.29 7.54 -4.69
CA VAL B 202 22.68 6.21 -4.63
C VAL B 202 23.36 5.34 -3.57
N LYS B 203 24.67 5.49 -3.41
CA LYS B 203 25.42 4.61 -2.51
C LYS B 203 24.94 4.67 -1.07
N PRO B 204 24.70 5.83 -0.44
CA PRO B 204 24.20 5.80 0.94
C PRO B 204 22.82 5.18 1.06
N ILE B 205 22.00 5.27 0.00
CA ILE B 205 20.70 4.61 0.01
C ILE B 205 20.88 3.10 -0.01
N GLU B 206 21.79 2.62 -0.86
CA GLU B 206 22.00 1.18 -0.98
C GLU B 206 22.60 0.60 0.30
N ASP B 207 23.45 1.37 0.97
CA ASP B 207 24.02 0.90 2.23
C ASP B 207 22.95 0.66 3.27
N ILE B 208 21.94 1.54 3.32
CA ILE B 208 20.85 1.34 4.28
C ILE B 208 19.96 0.17 3.85
N GLN B 209 19.64 0.08 2.55
CA GLN B 209 18.79 -1.02 2.11
C GLN B 209 19.48 -2.36 2.32
N ASP B 210 20.80 -2.41 2.16
CA ASP B 210 21.52 -3.66 2.42
C ASP B 210 21.30 -4.12 3.86
N ASN B 211 21.30 -3.19 4.82
CA ASN B 211 21.02 -3.54 6.21
C ASN B 211 19.56 -3.97 6.37
N LEU B 212 18.64 -3.27 5.69
CA LEU B 212 17.24 -3.63 5.79
C LEU B 212 16.97 -5.00 5.16
N LEU B 213 17.68 -5.31 4.07
CA LEU B 213 17.50 -6.60 3.41
C LEU B 213 18.03 -7.74 4.27
N GLN B 214 19.16 -7.52 4.96
CA GLN B 214 19.65 -8.53 5.90
C GLN B 214 18.67 -8.72 7.05
N ALA B 215 18.10 -7.63 7.56
CA ALA B 215 17.10 -7.74 8.61
C ALA B 215 15.84 -8.43 8.10
N LEU B 216 15.45 -8.15 6.85
CA LEU B 216 14.27 -8.80 6.27
C LEU B 216 14.49 -10.30 6.11
N GLU B 217 15.64 -10.69 5.56
CA GLU B 217 15.93 -12.11 5.35
C GLU B 217 15.91 -12.89 6.66
N LEU B 218 16.57 -12.35 7.69
CA LEU B 218 16.56 -13.02 8.99
C LEU B 218 15.15 -13.08 9.57
N GLN B 219 14.38 -11.99 9.42
CA GLN B 219 13.01 -11.97 9.93
C GLN B 219 12.16 -13.06 9.28
N LEU B 220 12.29 -13.23 7.96
CA LEU B 220 11.49 -14.23 7.26
C LEU B 220 11.91 -15.64 7.62
N LYS B 221 13.22 -15.87 7.81
CA LYS B 221 13.68 -17.21 8.18
C LYS B 221 13.15 -17.62 9.56
N LEU B 222 13.14 -16.68 10.51
CA LEU B 222 12.68 -16.99 11.85
C LEU B 222 11.16 -17.10 11.93
N ASN B 223 10.44 -16.32 11.13
CA ASN B 223 9.00 -16.18 11.25
C ASN B 223 8.21 -17.10 10.33
N HIS B 224 8.85 -17.69 9.32
CA HIS B 224 8.15 -18.53 8.35
C HIS B 224 8.95 -19.81 8.10
N PRO B 225 8.93 -20.73 9.06
CA PRO B 225 9.72 -21.97 8.90
C PRO B 225 9.23 -22.87 7.77
N GLU B 226 7.97 -22.74 7.36
CA GLU B 226 7.38 -23.64 6.37
C GLU B 226 7.43 -23.08 4.96
N SER B 227 8.04 -21.92 4.76
CA SER B 227 8.13 -21.31 3.44
C SER B 227 9.49 -21.59 2.81
N SER B 228 9.49 -21.68 1.49
CA SER B 228 10.71 -21.85 0.71
C SER B 228 10.91 -20.62 -0.16
N GLN B 229 12.10 -20.01 -0.07
CA GLN B 229 12.46 -18.86 -0.89
C GLN B 229 11.48 -17.70 -0.70
N LEU B 230 10.99 -17.52 0.53
CA LEU B 230 10.03 -16.45 0.78
C LEU B 230 10.69 -15.08 0.60
N PHE B 231 11.98 -14.97 0.97
CA PHE B 231 12.73 -13.75 0.70
C PHE B 231 12.71 -13.38 -0.77
N ALA B 232 13.02 -14.35 -1.64
CA ALA B 232 12.99 -14.08 -3.08
C ALA B 232 11.58 -13.81 -3.58
N LYS B 233 10.59 -14.56 -3.07
CA LYS B 233 9.22 -14.38 -3.53
C LYS B 233 8.67 -13.02 -3.12
N LEU B 234 9.05 -12.54 -1.94
CA LEU B 234 8.61 -11.21 -1.51
C LEU B 234 9.22 -10.13 -2.38
N LEU B 235 10.52 -10.25 -2.69
CA LEU B 235 11.17 -9.27 -3.54
C LEU B 235 10.55 -9.23 -4.93
N GLN B 236 10.11 -10.39 -5.43
CA GLN B 236 9.43 -10.42 -6.73
C GLN B 236 8.11 -9.67 -6.69
N LYS B 237 7.49 -9.52 -5.51
CA LYS B 237 6.25 -8.76 -5.41
C LYS B 237 6.46 -7.27 -5.62
N MET B 238 7.69 -6.78 -5.45
CA MET B 238 7.97 -5.40 -5.80
C MET B 238 7.81 -5.16 -7.30
N THR B 239 8.12 -6.17 -8.10
CA THR B 239 7.88 -6.10 -9.53
C THR B 239 6.39 -5.94 -9.84
N ASP B 240 5.53 -6.63 -9.08
CA ASP B 240 4.11 -6.50 -9.29
C ASP B 240 3.62 -5.12 -8.86
N LEU B 241 4.14 -4.61 -7.74
CA LEU B 241 3.73 -3.30 -7.27
C LEU B 241 4.06 -2.21 -8.28
N ARG B 242 5.26 -2.25 -8.85
CA ARG B 242 5.66 -1.22 -9.81
C ARG B 242 4.83 -1.31 -11.08
N GLN B 243 4.46 -2.53 -11.49
CA GLN B 243 3.63 -2.71 -12.66
C GLN B 243 2.26 -2.09 -12.44
N ILE B 244 1.69 -2.27 -11.25
CA ILE B 244 0.39 -1.67 -10.93
C ILE B 244 0.47 -0.15 -11.00
N VAL B 245 1.53 0.44 -10.43
CA VAL B 245 1.66 1.90 -10.48
C VAL B 245 1.82 2.37 -11.91
N THR B 246 2.67 1.69 -12.70
CA THR B 246 2.90 2.11 -14.07
C THR B 246 1.63 2.04 -14.90
N GLU B 247 0.79 1.03 -14.66
CA GLU B 247 -0.47 0.92 -15.40
C GLU B 247 -1.40 2.09 -15.10
N HIS B 248 -1.42 2.57 -13.85
CA HIS B 248 -2.26 3.72 -13.54
C HIS B 248 -1.76 4.98 -14.24
N VAL B 249 -0.45 5.21 -14.20
CA VAL B 249 0.12 6.37 -14.88
C VAL B 249 -0.20 6.32 -16.37
N GLN B 250 -0.12 5.12 -16.97
CA GLN B 250 -0.44 4.98 -18.38
C GLN B 250 -1.92 5.23 -18.64
N LEU B 251 -2.80 4.65 -17.81
CA LEU B 251 -4.23 4.83 -18.01
C LEU B 251 -4.64 6.29 -17.88
N LEU B 252 -4.02 7.02 -16.95
CA LEU B 252 -4.31 8.44 -16.82
C LEU B 252 -3.87 9.20 -18.06
N GLN B 253 -2.74 8.80 -18.66
CA GLN B 253 -2.26 9.46 -19.86
C GLN B 253 -3.23 9.28 -21.02
N VAL B 254 -3.71 8.04 -21.23
CA VAL B 254 -4.66 7.83 -22.32
C VAL B 254 -6.01 8.44 -21.99
N ILE B 255 -6.37 8.52 -20.71
CA ILE B 255 -7.61 9.19 -20.32
C ILE B 255 -7.49 10.69 -20.58
N LYS B 256 -6.34 11.28 -20.27
CA LYS B 256 -6.11 12.68 -20.61
C LYS B 256 -6.10 12.92 -22.11
N LYS B 257 -5.93 11.87 -22.91
CA LYS B 257 -5.87 11.99 -24.36
C LYS B 257 -7.10 11.42 -25.06
N THR B 258 -8.04 10.82 -24.33
CA THR B 258 -9.30 10.37 -24.90
C THR B 258 -10.44 11.09 -24.20
N GLU B 259 -11.40 11.58 -24.99
CA GLU B 259 -12.57 12.28 -24.46
C GLU B 259 -13.74 11.30 -24.51
N THR B 260 -14.05 10.70 -23.37
CA THR B 260 -15.13 9.73 -23.25
C THR B 260 -16.08 10.16 -22.15
N ASP B 261 -17.34 10.38 -22.51
CA ASP B 261 -18.37 10.65 -21.51
C ASP B 261 -18.63 9.38 -20.71
N MET B 262 -18.17 9.34 -19.48
CA MET B 262 -18.27 8.16 -18.62
C MET B 262 -19.25 8.46 -17.49
N SER B 263 -20.32 7.69 -17.42
CA SER B 263 -21.30 7.82 -16.36
C SER B 263 -21.05 6.77 -15.28
N LEU B 264 -21.11 7.18 -14.02
CA LEU B 264 -20.94 6.28 -12.89
C LEU B 264 -21.78 6.78 -11.73
N HIS B 265 -22.43 5.84 -11.05
CA HIS B 265 -23.31 6.19 -9.93
C HIS B 265 -22.52 6.96 -8.87
N PRO B 266 -23.07 8.07 -8.34
CA PRO B 266 -22.32 8.85 -7.34
C PRO B 266 -21.89 8.06 -6.12
N LEU B 267 -22.69 7.08 -5.68
CA LEU B 267 -22.27 6.23 -4.56
C LEU B 267 -21.06 5.39 -4.95
N LEU B 268 -21.01 4.93 -6.21
CA LEU B 268 -19.84 4.18 -6.67
C LEU B 268 -18.62 5.09 -6.77
N GLN B 269 -18.82 6.35 -7.16
CA GLN B 269 -17.71 7.29 -7.21
C GLN B 269 -17.14 7.52 -5.81
N GLU B 270 -18.01 7.63 -4.81
CA GLU B 270 -17.55 7.80 -3.44
C GLU B 270 -16.76 6.57 -2.97
N ILE B 271 -17.21 5.38 -3.37
CA ILE B 271 -16.53 4.16 -2.96
C ILE B 271 -15.16 4.06 -3.62
N TYR B 272 -15.08 4.33 -4.92
CA TYR B 272 -13.78 4.30 -5.59
C TYR B 272 -12.79 5.27 -4.97
N LYS B 273 -13.28 6.37 -4.40
CA LYS B 273 -12.38 7.32 -3.75
C LYS B 273 -11.73 6.73 -2.50
N ASP B 274 -12.31 5.68 -1.92
CA ASP B 274 -11.68 4.98 -0.81
C ASP B 274 -10.70 3.91 -1.27
N LEU B 275 -10.49 3.76 -2.58
CA LEU B 275 -9.57 2.76 -3.11
C LEU B 275 -8.33 3.47 -3.66
N TYR B 276 -7.58 2.77 -4.52
CA TYR B 276 -6.35 3.32 -5.08
C TYR B 276 -5.94 2.55 -6.33
#